data_4NJ8
#
_entry.id   4NJ8
#
_cell.length_a   71.890
_cell.length_b   71.890
_cell.length_c   33.540
_cell.angle_alpha   90.000
_cell.angle_beta   90.000
_cell.angle_gamma   90.000
#
_symmetry.space_group_name_H-M   'P 41'
#
loop_
_entity.id
_entity.type
_entity.pdbx_description
1 polymer 'Ankyrin repeat and SAM domain-containing protein 3'
2 water water
#
_entity_poly.entity_id   1
_entity_poly.type   'polypeptide(L)'
_entity_poly.pdbx_seq_one_letter_code
;SRAPYSGPQDLAALLEQIGCLKYLQVFEEQDVDLRIFLTLTESDLKEIGITAFGPKRKMTSAIARWHSSAR
;
_entity_poly.pdbx_strand_id   A,B
#
# COMPACT_ATOMS: atom_id res chain seq x y z
N ARG A 2 -25.74 14.89 20.94
CA ARG A 2 -24.70 14.54 19.97
C ARG A 2 -25.11 14.94 18.55
N ALA A 3 -24.12 15.17 17.70
CA ALA A 3 -24.38 15.50 16.31
C ALA A 3 -25.01 14.32 15.59
N PRO A 4 -26.10 14.57 14.84
CA PRO A 4 -26.71 13.51 14.01
C PRO A 4 -25.65 12.87 13.12
N TYR A 5 -25.85 11.60 12.83
CA TYR A 5 -24.85 10.85 12.10
C TYR A 5 -25.61 9.95 11.20
N SER A 6 -25.15 9.77 9.96
CA SER A 6 -25.82 8.84 9.07
C SER A 6 -24.82 7.99 8.32
N GLY A 7 -23.64 7.82 8.91
CA GLY A 7 -22.65 6.92 8.35
C GLY A 7 -21.41 7.67 7.94
N PRO A 8 -20.39 6.95 7.44
CA PRO A 8 -19.16 7.61 6.97
C PRO A 8 -19.46 8.63 5.88
N GLN A 9 -18.82 9.78 5.94
CA GLN A 9 -19.10 10.78 4.93
C GLN A 9 -17.96 10.93 3.94
N ASP A 10 -16.87 10.19 4.16
CA ASP A 10 -15.86 10.07 3.13
C ASP A 10 -15.20 8.70 3.22
N LEU A 11 -14.40 8.39 2.22
CA LEU A 11 -13.85 7.06 2.11
C LEU A 11 -12.87 6.74 3.24
N ALA A 12 -12.04 7.70 3.60
CA ALA A 12 -11.11 7.50 4.72
C ALA A 12 -11.87 7.14 5.99
N ALA A 13 -13.01 7.79 6.23
CA ALA A 13 -13.78 7.46 7.43
C ALA A 13 -14.30 6.03 7.39
N LEU A 14 -14.75 5.59 6.22
CA LEU A 14 -15.24 4.24 6.09
C LEU A 14 -14.11 3.25 6.30
N LEU A 15 -12.96 3.53 5.69
CA LEU A 15 -11.84 2.59 5.80
C LEU A 15 -11.33 2.52 7.24
N GLU A 16 -11.31 3.64 7.94
CA GLU A 16 -10.89 3.64 9.33
C GLU A 16 -11.82 2.75 10.16
N GLN A 17 -13.12 2.85 9.87
CA GLN A 17 -14.14 2.12 10.61
C GLN A 17 -13.94 0.61 10.49
N ILE A 18 -13.49 0.16 9.32
CA ILE A 18 -13.27 -1.27 9.10
C ILE A 18 -11.81 -1.70 9.21
N GLY A 19 -10.93 -0.79 9.65
CA GLY A 19 -9.54 -1.14 9.88
C GLY A 19 -8.69 -1.29 8.62
N CYS A 20 -9.03 -0.53 7.59
CA CYS A 20 -8.42 -0.71 6.26
C CYS A 20 -7.79 0.56 5.70
N LEU A 21 -7.32 1.45 6.57
CA LEU A 21 -6.70 2.70 6.12
C LEU A 21 -5.45 2.44 5.29
N LYS A 22 -4.86 1.26 5.45
CA LYS A 22 -3.69 0.93 4.66
C LYS A 22 -4.01 0.82 3.16
N TYR A 23 -5.29 0.78 2.81
CA TYR A 23 -5.71 0.78 1.41
C TYR A 23 -6.16 2.14 0.88
N LEU A 24 -6.04 3.17 1.69
CA LEU A 24 -6.50 4.50 1.30
C LEU A 24 -5.80 4.99 0.04
N GLN A 25 -4.49 4.77 -0.03
CA GLN A 25 -3.73 5.23 -1.17
C GLN A 25 -4.11 4.51 -2.47
N VAL A 26 -4.43 3.22 -2.37
CA VAL A 26 -4.90 2.46 -3.55
C VAL A 26 -6.10 3.18 -4.18
N PHE A 27 -7.05 3.57 -3.33
CA PHE A 27 -8.26 4.22 -3.83
C PHE A 27 -8.00 5.65 -4.30
N GLU A 28 -7.12 6.37 -3.60
CA GLU A 28 -6.75 7.71 -4.04
C GLU A 28 -6.04 7.70 -5.40
N GLU A 29 -5.14 6.74 -5.63
CA GLU A 29 -4.43 6.66 -6.92
C GLU A 29 -5.39 6.30 -8.05
N GLN A 30 -6.46 5.59 -7.72
CA GLN A 30 -7.47 5.21 -8.70
C GLN A 30 -8.62 6.22 -8.77
N ASP A 31 -8.50 7.29 -7.99
CA ASP A 31 -9.50 8.35 -7.95
C ASP A 31 -10.91 7.82 -7.67
N VAL A 32 -10.98 6.99 -6.64
CA VAL A 32 -12.24 6.39 -6.19
C VAL A 32 -12.61 7.03 -4.86
N ASP A 33 -13.72 7.76 -4.86
CA ASP A 33 -14.21 8.36 -3.61
C ASP A 33 -15.31 7.52 -2.99
N LEU A 34 -15.90 7.99 -1.90
CA LEU A 34 -16.91 7.19 -1.20
C LEU A 34 -18.10 6.84 -2.09
N ARG A 35 -18.58 7.82 -2.88
CA ARG A 35 -19.75 7.58 -3.72
C ARG A 35 -19.50 6.43 -4.69
N ILE A 36 -18.33 6.42 -5.31
CA ILE A 36 -18.01 5.36 -6.25
C ILE A 36 -17.77 4.05 -5.51
N PHE A 37 -17.07 4.13 -4.38
CA PHE A 37 -16.76 2.94 -3.58
C PHE A 37 -18.03 2.19 -3.23
N LEU A 38 -19.08 2.91 -2.86
CA LEU A 38 -20.30 2.26 -2.40
C LEU A 38 -21.07 1.59 -3.55
N THR A 39 -20.59 1.75 -4.78
CA THR A 39 -21.20 1.07 -5.92
C THR A 39 -20.41 -0.14 -6.37
N LEU A 40 -19.26 -0.40 -5.75
CA LEU A 40 -18.36 -1.43 -6.26
C LEU A 40 -18.80 -2.86 -5.99
N THR A 41 -18.44 -3.74 -6.93
CA THR A 41 -18.60 -5.18 -6.78
C THR A 41 -17.27 -5.77 -6.36
N GLU A 42 -17.27 -7.04 -5.97
CA GLU A 42 -16.01 -7.71 -5.62
C GLU A 42 -15.07 -7.72 -6.83
N SER A 43 -15.64 -7.92 -8.01
CA SER A 43 -14.88 -7.88 -9.27
C SER A 43 -14.19 -6.53 -9.45
N ASP A 44 -14.90 -5.45 -9.14
CA ASP A 44 -14.31 -4.10 -9.19
C ASP A 44 -13.16 -3.93 -8.20
N LEU A 45 -13.35 -4.42 -6.99
CA LEU A 45 -12.31 -4.30 -5.97
C LEU A 45 -11.03 -4.99 -6.43
N LYS A 46 -11.20 -6.12 -7.09
CA LYS A 46 -10.06 -6.84 -7.69
C LYS A 46 -9.36 -5.99 -8.73
N GLU A 47 -10.13 -5.40 -9.64
CA GLU A 47 -9.57 -4.56 -10.70
C GLU A 47 -8.80 -3.37 -10.13
N ILE A 48 -9.31 -2.82 -9.03
CA ILE A 48 -8.69 -1.67 -8.36
C ILE A 48 -7.37 -2.04 -7.69
N GLY A 49 -7.24 -3.28 -7.24
CA GLY A 49 -6.02 -3.72 -6.61
C GLY A 49 -6.19 -4.40 -5.26
N ILE A 50 -7.43 -4.60 -4.84
CA ILE A 50 -7.71 -5.29 -3.58
C ILE A 50 -7.89 -6.78 -3.82
N THR A 51 -6.83 -7.55 -3.62
CA THR A 51 -6.86 -8.97 -3.94
C THR A 51 -6.92 -9.88 -2.71
N ALA A 52 -6.44 -9.38 -1.57
CA ALA A 52 -6.40 -10.20 -0.37
C ALA A 52 -7.82 -10.46 0.11
N PHE A 53 -8.08 -11.70 0.52
CA PHE A 53 -9.41 -12.14 0.94
C PHE A 53 -9.97 -11.27 2.07
N GLY A 54 -9.16 -11.01 3.08
CA GLY A 54 -9.62 -10.29 4.27
C GLY A 54 -10.16 -8.90 3.98
N PRO A 55 -9.33 -8.04 3.41
CA PRO A 55 -9.77 -6.67 3.10
C PRO A 55 -10.96 -6.65 2.14
N LYS A 56 -10.95 -7.51 1.12
CA LYS A 56 -12.04 -7.59 0.16
C LYS A 56 -13.36 -7.89 0.88
N ARG A 57 -13.32 -8.86 1.77
CA ARG A 57 -14.50 -9.24 2.53
C ARG A 57 -14.98 -8.09 3.43
N LYS A 58 -14.05 -7.43 4.11
CA LYS A 58 -14.45 -6.29 4.93
C LYS A 58 -15.06 -5.18 4.09
N MET A 59 -14.51 -4.95 2.90
CA MET A 59 -15.00 -3.85 2.08
C MET A 59 -16.37 -4.19 1.48
N THR A 60 -16.56 -5.42 1.03
CA THR A 60 -17.84 -5.80 0.48
C THR A 60 -18.91 -5.72 1.58
N SER A 61 -18.53 -6.07 2.81
CA SER A 61 -19.49 -5.99 3.92
C SER A 61 -19.86 -4.53 4.19
N ALA A 62 -18.88 -3.65 4.15
CA ALA A 62 -19.11 -2.22 4.36
C ALA A 62 -19.98 -1.63 3.27
N ILE A 63 -19.76 -2.05 2.03
CA ILE A 63 -20.57 -1.58 0.92
C ILE A 63 -22.04 -1.98 1.12
N ALA A 64 -22.28 -3.20 1.56
CA ALA A 64 -23.63 -3.66 1.84
C ALA A 64 -24.25 -2.85 2.97
N ARG A 65 -23.46 -2.53 3.98
CA ARG A 65 -23.99 -1.85 5.16
C ARG A 65 -24.35 -0.40 4.90
N TRP A 66 -23.52 0.30 4.15
CA TRP A 66 -23.68 1.74 3.99
C TRP A 66 -24.24 2.19 2.65
N HIS A 67 -24.55 1.25 1.77
CA HIS A 67 -25.03 1.62 0.45
C HIS A 67 -26.27 2.52 0.53
N SER A 68 -27.30 2.04 1.22
CA SER A 68 -28.52 2.80 1.45
C SER A 68 -29.12 3.41 0.17
N PRO B 8 15.18 1.79 10.98
CA PRO B 8 16.44 2.21 10.36
C PRO B 8 16.47 3.71 10.13
N GLN B 9 17.65 4.31 10.24
CA GLN B 9 17.76 5.76 10.12
C GLN B 9 18.13 6.20 8.70
N ASP B 10 18.74 5.30 7.92
CA ASP B 10 18.98 5.57 6.51
C ASP B 10 18.91 4.30 5.67
N LEU B 11 19.06 4.45 4.36
CA LEU B 11 18.92 3.30 3.45
C LEU B 11 20.03 2.29 3.66
N ALA B 12 21.26 2.77 3.84
CA ALA B 12 22.39 1.87 4.06
C ALA B 12 22.14 0.98 5.27
N ALA B 13 21.52 1.55 6.30
CA ALA B 13 21.16 0.79 7.49
C ALA B 13 20.22 -0.35 7.15
N LEU B 14 19.16 -0.05 6.41
CA LEU B 14 18.16 -1.04 6.06
C LEU B 14 18.77 -2.14 5.20
N LEU B 15 19.53 -1.74 4.19
CA LEU B 15 20.12 -2.70 3.26
C LEU B 15 21.07 -3.65 3.99
N GLU B 16 21.85 -3.09 4.91
CA GLU B 16 22.72 -3.89 5.77
C GLU B 16 21.91 -4.92 6.55
N GLN B 17 20.78 -4.48 7.10
CA GLN B 17 19.93 -5.34 7.90
C GLN B 17 19.40 -6.54 7.12
N ILE B 18 19.12 -6.35 5.82
CA ILE B 18 18.59 -7.42 4.99
C ILE B 18 19.65 -8.08 4.12
N GLY B 19 20.90 -7.65 4.28
CA GLY B 19 22.01 -8.25 3.57
C GLY B 19 22.12 -7.84 2.10
N CYS B 20 21.67 -6.63 1.77
CA CYS B 20 21.74 -6.13 0.40
C CYS B 20 22.59 -4.89 0.25
N LEU B 21 23.55 -4.72 1.14
CA LEU B 21 24.35 -3.50 1.18
C LEU B 21 25.11 -3.25 -0.11
N LYS B 22 25.39 -4.30 -0.88
CA LYS B 22 26.13 -4.12 -2.12
C LYS B 22 25.30 -3.46 -3.22
N TYR B 23 23.99 -3.35 -3.03
CA TYR B 23 23.14 -2.68 -4.01
C TYR B 23 22.97 -1.20 -3.69
N LEU B 24 23.54 -0.78 -2.57
CA LEU B 24 23.44 0.61 -2.13
C LEU B 24 23.94 1.59 -3.19
N GLN B 25 24.99 1.22 -3.89
CA GLN B 25 25.55 2.11 -4.90
C GLN B 25 24.58 2.43 -6.02
N VAL B 26 23.74 1.47 -6.39
CA VAL B 26 22.83 1.73 -7.51
C VAL B 26 21.70 2.65 -7.06
N PHE B 27 21.32 2.57 -5.78
CA PHE B 27 20.34 3.51 -5.24
C PHE B 27 20.95 4.91 -5.18
N GLU B 28 22.23 4.97 -4.79
CA GLU B 28 22.92 6.24 -4.71
C GLU B 28 22.99 6.92 -6.07
N GLU B 29 23.27 6.13 -7.09
CA GLU B 29 23.38 6.65 -8.46
C GLU B 29 22.03 7.15 -8.96
N GLN B 30 20.94 6.59 -8.44
CA GLN B 30 19.62 7.04 -8.86
C GLN B 30 19.03 8.06 -7.89
N ASP B 31 19.85 8.50 -6.93
CA ASP B 31 19.43 9.48 -5.93
C ASP B 31 18.16 9.05 -5.20
N VAL B 32 18.17 7.80 -4.73
CA VAL B 32 17.05 7.24 -3.96
C VAL B 32 17.46 6.99 -2.53
N ASP B 33 16.82 7.68 -1.60
CA ASP B 33 17.12 7.53 -0.19
C ASP B 33 16.07 6.63 0.46
N LEU B 34 16.15 6.49 1.79
CA LEU B 34 15.23 5.61 2.51
C LEU B 34 13.76 6.01 2.31
N ARG B 35 13.50 7.30 2.31
CA ARG B 35 12.14 7.79 2.18
C ARG B 35 11.53 7.36 0.85
N ILE B 36 12.25 7.56 -0.25
CA ILE B 36 11.73 7.11 -1.53
C ILE B 36 11.69 5.58 -1.59
N PHE B 37 12.73 4.94 -1.07
CA PHE B 37 12.80 3.47 -1.06
C PHE B 37 11.52 2.85 -0.46
N LEU B 38 11.01 3.45 0.60
CA LEU B 38 9.88 2.83 1.29
C LEU B 38 8.55 2.98 0.53
N THR B 39 8.59 3.63 -0.63
CA THR B 39 7.40 3.78 -1.45
C THR B 39 7.45 2.90 -2.70
N LEU B 40 8.57 2.22 -2.90
CA LEU B 40 8.82 1.51 -4.15
C LEU B 40 8.05 0.22 -4.34
N THR B 41 7.63 0.01 -5.58
CA THR B 41 7.03 -1.26 -6.00
C THR B 41 8.11 -2.11 -6.64
N GLU B 42 7.80 -3.39 -6.88
CA GLU B 42 8.74 -4.26 -7.56
C GLU B 42 9.13 -3.70 -8.93
N SER B 43 8.16 -3.13 -9.66
CA SER B 43 8.45 -2.52 -10.96
C SER B 43 9.41 -1.34 -10.82
N ASP B 44 9.21 -0.54 -9.78
CA ASP B 44 10.13 0.58 -9.50
C ASP B 44 11.55 0.09 -9.24
N LEU B 45 11.67 -0.94 -8.44
CA LEU B 45 12.99 -1.50 -8.14
C LEU B 45 13.68 -1.98 -9.42
N LYS B 46 12.91 -2.57 -10.32
CA LYS B 46 13.46 -3.06 -11.57
C LYS B 46 13.97 -1.88 -12.41
N GLU B 47 13.19 -0.80 -12.43
CA GLU B 47 13.54 0.38 -13.20
C GLU B 47 14.80 1.08 -12.65
N ILE B 48 14.93 1.06 -11.33
CA ILE B 48 16.12 1.59 -10.67
C ILE B 48 17.37 0.78 -11.03
N GLY B 49 17.16 -0.51 -11.27
CA GLY B 49 18.24 -1.35 -11.74
C GLY B 49 18.44 -2.60 -10.91
N ILE B 50 17.55 -2.85 -9.95
CA ILE B 50 17.58 -4.09 -9.21
C ILE B 50 16.78 -5.14 -9.98
N THR B 51 17.46 -5.91 -10.82
CA THR B 51 16.75 -6.83 -11.68
C THR B 51 16.83 -8.27 -11.16
N ALA B 52 17.87 -8.56 -10.39
CA ALA B 52 18.04 -9.91 -9.84
C ALA B 52 16.90 -10.23 -8.87
N PHE B 53 16.39 -11.45 -8.95
CA PHE B 53 15.20 -11.84 -8.21
C PHE B 53 15.38 -11.74 -6.70
N GLY B 54 16.53 -12.23 -6.24
CA GLY B 54 16.78 -12.30 -4.80
C GLY B 54 16.74 -10.98 -4.06
N PRO B 55 17.66 -10.06 -4.41
CA PRO B 55 17.66 -8.74 -3.76
C PRO B 55 16.34 -8.00 -3.91
N LYS B 56 15.68 -8.14 -5.05
CA LYS B 56 14.40 -7.47 -5.27
C LYS B 56 13.35 -8.01 -4.30
N ARG B 57 13.36 -9.32 -4.10
CA ARG B 57 12.44 -9.97 -3.17
C ARG B 57 12.73 -9.59 -1.73
N LYS B 58 14.01 -9.58 -1.38
CA LYS B 58 14.41 -9.13 -0.04
C LYS B 58 13.97 -7.70 0.20
N MET B 59 14.12 -6.84 -0.79
CA MET B 59 13.76 -5.45 -0.62
C MET B 59 12.26 -5.24 -0.52
N THR B 60 11.48 -5.91 -1.37
CA THR B 60 10.03 -5.77 -1.30
C THR B 60 9.52 -6.31 0.03
N SER B 61 10.11 -7.40 0.51
CA SER B 61 9.72 -7.95 1.81
C SER B 61 10.04 -6.96 2.93
N ALA B 62 11.19 -6.31 2.84
CA ALA B 62 11.60 -5.35 3.84
C ALA B 62 10.68 -4.12 3.85
N ILE B 63 10.27 -3.69 2.68
CA ILE B 63 9.36 -2.54 2.57
C ILE B 63 8.03 -2.92 3.22
N ALA B 64 7.56 -4.13 2.96
CA ALA B 64 6.27 -4.57 3.51
C ALA B 64 6.35 -4.67 5.04
N ARG B 65 7.47 -5.20 5.53
CA ARG B 65 7.75 -5.34 6.95
C ARG B 65 7.68 -3.97 7.63
N TRP B 66 8.32 -2.98 7.00
CA TRP B 66 8.41 -1.65 7.57
C TRP B 66 7.02 -1.03 7.77
N HIS B 67 6.15 -1.18 6.77
CA HIS B 67 4.81 -0.60 6.85
C HIS B 67 3.93 -1.40 7.79
N SER B 68 4.26 -2.68 7.99
CA SER B 68 3.47 -3.53 8.88
C SER B 68 3.73 -3.21 10.35
N SER B 69 4.96 -2.80 10.65
CA SER B 69 5.33 -2.47 12.03
C SER B 69 4.94 -1.03 12.33
N ALA B 70 4.49 -0.31 11.31
CA ALA B 70 4.09 1.09 11.45
C ALA B 70 2.57 1.21 11.58
#